data_3E8R
#
_entry.id   3E8R
#
_cell.length_a   74.722
_cell.length_b   75.761
_cell.length_c   102.985
_cell.angle_alpha   90.00
_cell.angle_beta   90.00
_cell.angle_gamma   90.00
#
_symmetry.space_group_name_H-M   'P 21 21 21'
#
loop_
_entity.id
_entity.type
_entity.pdbx_description
1 polymer 'ADAM 17'
2 non-polymer 'ZINC ION'
3 non-polymer (1R,2S)-N~2~-hydroxy-1-{4-[(2-phenylquinolin-4-yl)methoxy]benzyl}cyclopropane-1,2-dicarboxamide
4 non-polymer N-{(2R)-2-[2-(hydroxyamino)-2-oxoethyl]-4-methylpentanoyl}-3-methyl-L-valyl-N-(2-aminoethyl)-L-alaninamide
5 non-polymer 'CITRIC ACID'
6 water water
#
_entity_poly.entity_id   1
_entity_poly.type   'polypeptide(L)'
_entity_poly.pdbx_seq_one_letter_code
;RADPDPMKNTCKLLVVADHRFYRYMGRGEESTTTNYLIELIDRVDDIYRNTAWDNAGFKGYGIQIEQIRILKSPQEVKPG
EKHYNMAKSYPNEEKDAWDVKMLLEQFSFDIAEEASKVCLAHLFTYQDFDMGTLGLAYGGSPRANSHGGVCPKAYYSPVG
KKNIYLNSGLTSTKNYGKTILTKEADLVTTHELGHNFGAEHDPDGLAECAPNEDQGGKYVMYPIAVSGDHENNKMFSQCS
KQSIYKTIESKAQECFQERSNKVGSHHHHHH
;
_entity_poly.pdbx_strand_id   A,B
#
loop_
_chem_comp.id
_chem_comp.type
_chem_comp.name
_chem_comp.formula
615 non-polymer (1R,2S)-N~2~-hydroxy-1-{4-[(2-phenylquinolin-4-yl)methoxy]benzyl}cyclopropane-1,2-dicarboxamide 'C28 H25 N3 O4'
CIT non-polymer 'CITRIC ACID' 'C6 H8 O7'
INN peptide-like N-{(2R)-2-[2-(hydroxyamino)-2-oxoethyl]-4-methylpentanoyl}-3-methyl-L-valyl-N-(2-aminoethyl)-L-alaninamide 'C19 H37 N5 O5'
ZN non-polymer 'ZINC ION' 'Zn 2'
#
# COMPACT_ATOMS: atom_id res chain seq x y z
N PRO A 4 -2.82 -5.21 3.83
CA PRO A 4 -2.32 -6.54 4.22
C PRO A 4 -3.40 -7.43 4.86
N ASP A 5 -3.76 -8.49 4.15
CA ASP A 5 -4.76 -9.42 4.64
C ASP A 5 -4.26 -10.07 5.93
N PRO A 6 -4.86 -9.70 7.07
CA PRO A 6 -4.46 -10.23 8.38
C PRO A 6 -4.66 -11.75 8.44
N MET A 7 -5.42 -12.26 7.48
CA MET A 7 -5.70 -13.68 7.40
C MET A 7 -4.59 -14.41 6.64
N LYS A 8 -3.73 -13.63 6.01
CA LYS A 8 -2.64 -14.22 5.25
C LYS A 8 -1.45 -13.30 5.34
N ASN A 9 -0.92 -13.13 6.56
CA ASN A 9 0.22 -12.23 6.68
C ASN A 9 1.46 -12.83 7.33
N THR A 10 1.39 -14.12 7.65
CA THR A 10 2.46 -14.82 8.37
C THR A 10 2.96 -16.03 7.62
N CYS A 11 4.28 -16.11 7.48
CA CYS A 11 4.91 -17.25 6.84
C CYS A 11 5.26 -18.21 7.99
N LYS A 12 4.53 -19.34 8.07
CA LYS A 12 4.77 -20.36 9.10
C LYS A 12 6.03 -21.17 8.68
N LEU A 13 6.86 -21.52 9.67
CA LEU A 13 8.11 -22.22 9.43
C LEU A 13 8.20 -23.57 10.08
N LEU A 14 8.84 -24.49 9.36
CA LEU A 14 9.25 -25.75 9.95
C LEU A 14 10.73 -25.43 10.24
N VAL A 15 11.08 -25.42 11.52
CA VAL A 15 12.44 -25.19 11.97
C VAL A 15 13.00 -26.54 12.38
N VAL A 16 14.21 -26.85 11.91
CA VAL A 16 14.86 -28.09 12.20
C VAL A 16 16.22 -27.80 12.83
N ALA A 17 16.46 -28.44 13.97
CA ALA A 17 17.76 -28.39 14.64
C ALA A 17 18.40 -29.76 14.43
N ASP A 18 19.56 -29.79 13.76
CA ASP A 18 20.23 -31.07 13.55
C ASP A 18 20.97 -31.51 14.82
N HIS A 19 21.54 -32.70 14.80
CA HIS A 19 22.28 -33.25 15.97
C HIS A 19 23.44 -32.37 16.40
N ARG A 20 24.07 -31.69 15.44
CA ARG A 20 25.19 -30.81 15.77
C ARG A 20 24.70 -29.61 16.59
N PHE A 21 23.62 -29.00 16.10
CA PHE A 21 23.00 -27.89 16.80
C PHE A 21 22.52 -28.29 18.20
N TYR A 22 21.84 -29.43 18.28
CA TYR A 22 21.33 -29.95 19.55
C TYR A 22 22.43 -30.12 20.62
N ARG A 23 23.55 -30.67 20.17
CA ARG A 23 24.72 -30.93 21.00
C ARG A 23 25.48 -29.68 21.40
N TYR A 24 25.85 -28.87 20.40
CA TYR A 24 26.68 -27.71 20.65
C TYR A 24 25.99 -26.39 21.04
N MET A 25 24.75 -26.19 20.61
CA MET A 25 24.04 -24.97 20.98
C MET A 25 23.03 -25.34 22.07
N GLY A 26 22.42 -26.51 21.92
CA GLY A 26 21.41 -26.94 22.88
C GLY A 26 21.98 -27.62 24.12
N ARG A 27 23.28 -27.85 24.18
CA ARG A 27 23.93 -28.53 25.33
C ARG A 27 23.26 -29.88 25.60
N GLY A 28 22.83 -30.53 24.53
CA GLY A 28 22.17 -31.82 24.60
C GLY A 28 20.82 -31.76 25.27
N GLU A 29 20.19 -30.59 25.29
CA GLU A 29 18.88 -30.46 25.92
C GLU A 29 17.82 -29.87 24.98
N GLU A 30 16.66 -30.49 24.98
CA GLU A 30 15.56 -30.05 24.17
C GLU A 30 15.12 -28.63 24.55
N SER A 31 14.99 -28.34 25.84
CA SER A 31 14.54 -27.01 26.25
C SER A 31 15.50 -25.89 25.80
N THR A 32 16.80 -26.10 25.97
CA THR A 32 17.79 -25.08 25.61
C THR A 32 17.75 -24.86 24.09
N THR A 33 17.66 -25.97 23.35
CA THR A 33 17.58 -25.95 21.89
C THR A 33 16.38 -25.15 21.43
N THR A 34 15.20 -25.54 21.89
CA THR A 34 13.99 -24.86 21.46
C THR A 34 13.92 -23.38 21.89
N ASN A 35 14.32 -23.09 23.13
CA ASN A 35 14.30 -21.70 23.62
C ASN A 35 15.19 -20.79 22.76
N TYR A 36 16.37 -21.27 22.38
CA TYR A 36 17.23 -20.47 21.50
C TYR A 36 16.51 -20.12 20.20
N LEU A 37 15.94 -21.14 19.53
CA LEU A 37 15.30 -20.93 18.26
C LEU A 37 14.03 -20.10 18.31
N ILE A 38 13.23 -20.37 19.33
CA ILE A 38 11.99 -19.61 19.57
C ILE A 38 12.33 -18.12 19.72
N GLU A 39 13.36 -17.83 20.51
CA GLU A 39 13.71 -16.42 20.73
C GLU A 39 14.35 -15.82 19.51
N LEU A 40 15.20 -16.59 18.82
CA LEU A 40 15.81 -16.07 17.59
C LEU A 40 14.74 -15.70 16.55
N ILE A 41 13.81 -16.60 16.30
CA ILE A 41 12.80 -16.32 15.29
C ILE A 41 11.92 -15.12 15.68
N ASP A 42 11.58 -15.02 16.97
CA ASP A 42 10.79 -13.91 17.45
C ASP A 42 11.52 -12.57 17.21
N ARG A 43 12.83 -12.52 17.48
CA ARG A 43 13.57 -11.29 17.20
C ARG A 43 13.64 -10.98 15.71
N VAL A 44 13.83 -12.00 14.89
CA VAL A 44 13.84 -11.79 13.44
C VAL A 44 12.44 -11.33 12.99
N ASP A 45 11.40 -11.98 13.50
CA ASP A 45 10.01 -11.58 13.19
C ASP A 45 9.81 -10.07 13.49
N ASP A 46 10.33 -9.56 14.59
CA ASP A 46 10.17 -8.14 14.90
C ASP A 46 10.73 -7.27 13.77
N ILE A 47 11.84 -7.70 13.18
CA ILE A 47 12.41 -6.96 12.05
C ILE A 47 11.46 -7.00 10.86
N TYR A 48 10.98 -8.19 10.51
CA TYR A 48 10.09 -8.32 9.35
C TYR A 48 8.74 -7.58 9.54
N ARG A 49 8.08 -7.90 10.64
CA ARG A 49 6.75 -7.40 10.95
C ARG A 49 6.73 -5.85 11.01
N ASN A 50 7.83 -5.22 11.45
CA ASN A 50 7.91 -3.77 11.56
C ASN A 50 8.34 -3.09 10.27
N THR A 51 8.65 -3.89 9.26
CA THR A 51 9.10 -3.34 7.99
C THR A 51 7.92 -2.95 7.11
N ALA A 52 7.95 -1.73 6.60
CA ALA A 52 6.94 -1.24 5.66
C ALA A 52 7.52 -1.45 4.25
N TRP A 53 7.15 -2.56 3.62
CA TRP A 53 7.67 -2.98 2.32
C TRP A 53 7.50 -1.97 1.18
N ASP A 54 6.48 -1.12 1.27
CA ASP A 54 6.24 -0.09 0.27
C ASP A 54 6.53 1.31 0.80
N ASN A 55 7.07 1.38 2.04
CA ASN A 55 7.35 2.64 2.72
C ASN A 55 6.08 3.37 3.14
N ALA A 56 5.00 2.61 3.28
CA ALA A 56 3.74 3.18 3.66
C ALA A 56 3.10 2.30 4.73
N GLY A 57 1.99 1.69 4.38
CA GLY A 57 1.26 0.88 5.34
C GLY A 57 1.27 -0.58 5.03
N PHE A 58 2.14 -0.99 4.11
CA PHE A 58 2.25 -2.39 3.77
C PHE A 58 3.27 -3.02 4.73
N LYS A 59 2.85 -3.18 5.98
CA LYS A 59 3.69 -3.74 7.02
C LYS A 59 2.86 -4.77 7.76
N GLY A 60 3.49 -5.48 8.67
CA GLY A 60 2.77 -6.49 9.44
C GLY A 60 2.96 -7.91 8.95
N TYR A 61 3.80 -8.11 7.93
CA TYR A 61 4.14 -9.45 7.41
C TYR A 61 5.32 -10.02 8.17
N GLY A 62 5.20 -11.25 8.64
CA GLY A 62 6.27 -11.82 9.42
C GLY A 62 6.36 -13.32 9.37
N ILE A 63 7.00 -13.89 10.38
CA ILE A 63 7.28 -15.31 10.40
C ILE A 63 6.91 -15.86 11.75
N GLN A 64 6.48 -17.10 11.77
CA GLN A 64 6.14 -17.77 13.02
C GLN A 64 6.45 -19.25 12.92
N ILE A 65 6.96 -19.84 13.99
CA ILE A 65 7.32 -21.25 13.96
C ILE A 65 6.05 -22.09 14.03
N GLU A 66 5.92 -23.08 13.15
CA GLU A 66 4.76 -24.00 13.20
C GLU A 66 5.20 -25.25 13.95
N GLN A 67 6.43 -25.67 13.68
CA GLN A 67 6.95 -26.87 14.32
C GLN A 67 8.46 -26.76 14.41
N ILE A 68 9.00 -27.27 15.51
CA ILE A 68 10.44 -27.42 15.66
C ILE A 68 10.77 -28.92 15.70
N ARG A 69 11.59 -29.37 14.75
CA ARG A 69 12.01 -30.75 14.77
C ARG A 69 13.42 -30.77 15.36
N ILE A 70 13.61 -31.65 16.32
CA ILE A 70 14.87 -31.72 17.04
C ILE A 70 15.50 -33.08 16.86
N LEU A 71 16.59 -33.10 16.12
CA LEU A 71 17.31 -34.34 15.87
C LEU A 71 18.42 -34.49 16.93
N LYS A 72 18.19 -35.35 17.90
CA LYS A 72 19.13 -35.53 19.01
C LYS A 72 20.39 -36.31 18.68
N SER A 73 20.32 -37.12 17.64
CA SER A 73 21.46 -37.94 17.29
C SER A 73 21.59 -37.98 15.78
N PRO A 74 22.78 -38.35 15.28
CA PRO A 74 22.99 -38.40 13.84
C PRO A 74 22.10 -39.43 13.16
N GLN A 75 21.78 -39.18 11.90
CA GLN A 75 20.98 -40.13 11.12
C GLN A 75 21.93 -41.25 10.63
N GLU A 76 21.58 -42.51 10.93
CA GLU A 76 22.38 -43.62 10.41
C GLU A 76 22.07 -43.78 8.93
N VAL A 77 23.11 -44.03 8.15
CA VAL A 77 22.98 -44.18 6.71
C VAL A 77 23.67 -45.49 6.28
N LYS A 78 23.21 -46.04 5.17
CA LYS A 78 23.81 -47.25 4.60
C LYS A 78 25.02 -46.73 3.82
N PRO A 79 26.07 -47.57 3.64
CA PRO A 79 27.25 -47.08 2.91
C PRO A 79 26.84 -46.47 1.57
N GLY A 80 27.40 -45.31 1.26
CA GLY A 80 27.09 -44.61 0.01
C GLY A 80 25.79 -43.81 0.03
N GLU A 81 25.04 -43.89 1.12
CA GLU A 81 23.81 -43.14 1.26
C GLU A 81 24.09 -41.88 2.09
N LYS A 82 23.48 -40.76 1.72
CA LYS A 82 23.69 -39.56 2.50
C LYS A 82 22.39 -38.94 3.04
N HIS A 83 22.49 -38.21 4.15
CA HIS A 83 21.34 -37.57 4.79
C HIS A 83 21.87 -36.28 5.43
N TYR A 84 21.07 -35.22 5.40
CA TYR A 84 21.56 -33.96 5.96
C TYR A 84 21.92 -34.03 7.45
N ASN A 85 21.37 -35.01 8.17
CA ASN A 85 21.65 -35.16 9.59
C ASN A 85 22.65 -36.29 9.91
N MET A 86 23.27 -36.83 8.89
CA MET A 86 24.25 -37.91 9.13
C MET A 86 25.46 -37.35 9.92
N ALA A 87 26.23 -38.22 10.56
CA ALA A 87 27.37 -37.82 11.38
C ALA A 87 28.47 -37.14 10.56
N LYS A 88 28.80 -37.73 9.42
CA LYS A 88 29.90 -37.22 8.61
C LYS A 88 29.57 -36.01 7.73
N SER A 89 30.58 -35.18 7.50
CA SER A 89 30.44 -34.07 6.57
C SER A 89 30.48 -34.63 5.18
N TYR A 90 29.91 -33.91 4.24
CA TYR A 90 29.92 -34.32 2.84
C TYR A 90 30.19 -33.10 1.94
N PRO A 91 31.04 -33.24 0.92
CA PRO A 91 31.69 -34.44 0.34
C PRO A 91 33.02 -34.84 0.93
N ASN A 92 33.54 -34.02 1.84
CA ASN A 92 34.83 -34.28 2.47
C ASN A 92 34.65 -34.59 3.94
N GLU A 93 34.61 -35.88 4.28
CA GLU A 93 34.42 -36.30 5.67
C GLU A 93 35.48 -35.79 6.63
N GLU A 94 36.61 -35.35 6.09
CA GLU A 94 37.72 -34.84 6.90
C GLU A 94 37.50 -33.39 7.38
N LYS A 95 36.59 -32.68 6.72
CA LYS A 95 36.28 -31.30 7.08
C LYS A 95 35.22 -31.26 8.20
N ASP A 96 35.20 -30.17 8.95
CA ASP A 96 34.22 -29.99 10.02
C ASP A 96 32.80 -29.88 9.46
N ALA A 97 32.71 -29.39 8.23
CA ALA A 97 31.44 -29.12 7.65
C ALA A 97 31.24 -29.65 6.23
N TRP A 98 29.97 -29.68 5.85
CA TRP A 98 29.55 -29.98 4.48
C TRP A 98 29.95 -28.81 3.60
N ASP A 99 29.94 -29.06 2.28
CA ASP A 99 29.98 -28.00 1.30
C ASP A 99 28.54 -27.42 1.50
N VAL A 100 28.41 -26.12 1.72
CA VAL A 100 27.12 -25.48 2.06
C VAL A 100 26.00 -25.65 1.04
N LYS A 101 26.35 -25.56 -0.23
CA LYS A 101 25.34 -25.74 -1.28
C LYS A 101 24.80 -27.15 -1.29
N MET A 102 25.71 -28.11 -1.17
CA MET A 102 25.30 -29.51 -1.12
C MET A 102 24.44 -29.81 0.09
N LEU A 103 24.75 -29.20 1.24
CA LEU A 103 23.96 -29.44 2.43
C LEU A 103 22.53 -28.89 2.20
N LEU A 104 22.43 -27.69 1.66
CA LEU A 104 21.11 -27.09 1.47
C LEU A 104 20.29 -28.01 0.53
N GLU A 105 20.93 -28.50 -0.55
CA GLU A 105 20.26 -29.37 -1.51
C GLU A 105 19.82 -30.65 -0.83
N GLN A 106 20.70 -31.19 0.02
CA GLN A 106 20.41 -32.41 0.75
C GLN A 106 19.27 -32.25 1.75
N PHE A 107 19.31 -31.17 2.54
CA PHE A 107 18.24 -30.91 3.51
C PHE A 107 16.92 -30.84 2.73
N SER A 108 16.94 -30.11 1.63
CA SER A 108 15.70 -29.92 0.81
C SER A 108 15.14 -31.25 0.33
N PHE A 109 16.03 -32.14 -0.07
CA PHE A 109 15.65 -33.47 -0.54
C PHE A 109 15.04 -34.30 0.60
N ASP A 110 15.75 -34.35 1.72
CA ASP A 110 15.29 -35.12 2.86
C ASP A 110 14.01 -34.60 3.51
N ILE A 111 13.76 -33.30 3.47
CA ILE A 111 12.53 -32.80 4.12
C ILE A 111 11.41 -32.43 3.15
N ALA A 112 11.53 -32.84 1.89
CA ALA A 112 10.55 -32.45 0.87
C ALA A 112 9.09 -32.64 1.28
N GLU A 113 8.77 -33.80 1.85
CA GLU A 113 7.39 -34.08 2.24
C GLU A 113 6.89 -33.05 3.25
N GLU A 114 7.71 -32.79 4.27
CA GLU A 114 7.33 -31.78 5.26
C GLU A 114 7.32 -30.35 4.65
N ALA A 115 8.30 -30.04 3.81
CA ALA A 115 8.42 -28.68 3.23
C ALA A 115 7.23 -28.30 2.36
N SER A 116 6.65 -29.29 1.69
CA SER A 116 5.47 -29.05 0.85
C SER A 116 4.26 -28.52 1.61
N LYS A 117 4.25 -28.68 2.94
CA LYS A 117 3.10 -28.27 3.73
C LYS A 117 3.30 -26.96 4.52
N VAL A 118 4.46 -26.34 4.35
CA VAL A 118 4.75 -25.12 5.10
C VAL A 118 5.23 -24.01 4.18
N CYS A 119 5.18 -22.78 4.67
CA CYS A 119 5.67 -21.67 3.89
C CYS A 119 7.18 -21.80 3.67
N LEU A 120 7.94 -22.03 4.74
CA LEU A 120 9.38 -22.24 4.63
C LEU A 120 9.87 -23.32 5.59
N ALA A 121 10.99 -23.94 5.24
CA ALA A 121 11.68 -24.86 6.15
C ALA A 121 13.09 -24.25 6.34
N HIS A 122 13.56 -24.26 7.57
CA HIS A 122 14.88 -23.72 7.86
C HIS A 122 15.66 -24.71 8.73
N LEU A 123 16.88 -25.01 8.28
CA LEU A 123 17.77 -25.88 9.03
C LEU A 123 18.75 -25.02 9.89
N PHE A 124 18.86 -25.34 11.18
CA PHE A 124 19.81 -24.68 12.04
C PHE A 124 20.86 -25.73 12.40
N THR A 125 22.11 -25.42 12.14
CA THR A 125 23.18 -26.41 12.34
C THR A 125 24.35 -25.73 13.09
N TYR A 126 25.41 -26.51 13.32
CA TYR A 126 26.59 -26.01 14.00
C TYR A 126 27.79 -26.69 13.34
N GLN A 127 28.29 -26.11 12.26
CA GLN A 127 29.44 -26.65 11.54
C GLN A 127 30.13 -25.47 10.87
N ASP A 128 31.45 -25.54 10.78
CA ASP A 128 32.25 -24.41 10.32
C ASP A 128 32.47 -24.48 8.82
N PHE A 129 31.52 -23.93 8.07
CA PHE A 129 31.66 -23.87 6.64
C PHE A 129 32.94 -23.07 6.32
N ASP A 130 33.58 -23.49 5.25
CA ASP A 130 34.84 -22.91 4.77
C ASP A 130 34.71 -21.42 4.46
N MET A 131 35.79 -20.69 4.73
CA MET A 131 35.91 -19.28 4.36
C MET A 131 34.82 -18.33 4.88
N GLY A 132 34.39 -18.52 6.13
CA GLY A 132 33.45 -17.59 6.76
C GLY A 132 31.99 -17.66 6.33
N THR A 133 31.64 -18.66 5.55
CA THR A 133 30.23 -18.81 5.15
C THR A 133 29.38 -19.18 6.39
N LEU A 134 28.25 -18.48 6.56
CA LEU A 134 27.32 -18.68 7.67
C LEU A 134 25.99 -19.37 7.35
N GLY A 135 25.52 -19.21 6.12
CA GLY A 135 24.22 -19.74 5.74
C GLY A 135 24.01 -19.67 4.24
N LEU A 136 22.83 -20.11 3.81
CA LEU A 136 22.47 -20.19 2.39
C LEU A 136 20.96 -20.38 2.26
N ALA A 137 20.40 -19.92 1.16
CA ALA A 137 18.94 -20.05 0.99
C ALA A 137 18.58 -19.99 -0.47
N TYR A 138 17.39 -20.49 -0.81
CA TYR A 138 16.90 -20.36 -2.18
C TYR A 138 16.04 -19.10 -2.24
N GLY A 139 16.07 -18.45 -3.40
CA GLY A 139 15.29 -17.27 -3.70
C GLY A 139 16.21 -16.09 -3.66
N GLY A 140 15.80 -14.98 -4.28
CA GLY A 140 16.60 -13.77 -4.21
C GLY A 140 18.00 -13.96 -4.77
N SER A 141 18.12 -14.87 -5.72
CA SER A 141 19.40 -15.11 -6.39
C SER A 141 19.42 -14.57 -7.82
N PRO A 142 20.53 -13.93 -8.22
CA PRO A 142 20.61 -13.47 -9.61
C PRO A 142 20.94 -14.68 -10.49
N HIS A 147 15.48 -20.24 -8.74
CA HIS A 147 14.17 -20.07 -8.09
C HIS A 147 14.15 -20.57 -6.65
N GLY A 148 13.03 -20.32 -6.00
CA GLY A 148 12.79 -20.76 -4.65
C GLY A 148 12.34 -19.66 -3.72
N GLY A 149 12.32 -19.95 -2.42
CA GLY A 149 11.90 -18.92 -1.50
C GLY A 149 10.53 -19.24 -0.95
N VAL A 150 9.85 -18.26 -0.35
CA VAL A 150 8.57 -18.55 0.30
C VAL A 150 7.61 -19.30 -0.62
N CYS A 151 6.85 -20.23 -0.02
CA CYS A 151 5.86 -21.12 -0.66
C CYS A 151 6.53 -22.21 -1.48
N PRO A 152 6.25 -23.50 -1.15
CA PRO A 152 6.96 -24.58 -1.83
C PRO A 152 6.78 -24.50 -3.34
N LYS A 153 7.90 -24.59 -4.04
CA LYS A 153 7.91 -24.62 -5.49
C LYS A 153 8.68 -25.91 -5.77
N ALA A 154 8.05 -26.77 -6.56
CA ALA A 154 8.64 -28.05 -6.89
C ALA A 154 9.84 -27.91 -7.84
N TYR A 155 10.81 -28.79 -7.62
CA TYR A 155 11.94 -28.95 -8.52
C TYR A 155 12.12 -30.46 -8.64
N TYR A 156 12.07 -31.02 -9.86
CA TYR A 156 12.24 -32.45 -10.04
C TYR A 156 13.72 -32.80 -9.99
N SER A 157 14.08 -33.64 -9.04
CA SER A 157 15.49 -33.99 -8.89
C SER A 157 15.77 -35.25 -9.70
N PRO A 158 16.43 -35.09 -10.86
CA PRO A 158 16.74 -36.22 -11.76
C PRO A 158 17.60 -37.25 -11.02
N VAL A 159 18.48 -36.77 -10.18
CA VAL A 159 19.33 -37.64 -9.36
C VAL A 159 18.46 -38.24 -8.25
N GLY A 160 17.66 -37.37 -7.63
CA GLY A 160 16.77 -37.80 -6.57
C GLY A 160 15.57 -38.60 -7.03
N LYS A 161 15.12 -38.40 -8.28
CA LYS A 161 13.94 -39.12 -8.78
C LYS A 161 12.57 -38.78 -8.12
N LYS A 162 12.49 -37.61 -7.48
CA LYS A 162 11.22 -37.16 -6.87
C LYS A 162 11.26 -35.63 -6.90
N ASN A 163 10.15 -35.02 -6.53
CA ASN A 163 10.16 -33.58 -6.44
C ASN A 163 10.71 -33.19 -5.06
N ILE A 164 11.45 -32.09 -5.01
CA ILE A 164 11.87 -31.50 -3.74
C ILE A 164 11.30 -30.08 -3.84
N TYR A 165 11.33 -29.30 -2.77
CA TYR A 165 10.80 -27.94 -2.81
C TYR A 165 11.88 -26.96 -2.44
N LEU A 166 11.83 -25.80 -3.07
CA LEU A 166 12.85 -24.77 -2.92
C LEU A 166 12.54 -23.70 -1.86
N ASN A 167 11.63 -24.01 -0.96
CA ASN A 167 11.25 -23.10 0.11
C ASN A 167 12.12 -23.36 1.35
N SER A 168 13.43 -23.26 1.19
CA SER A 168 14.35 -23.67 2.23
C SER A 168 15.60 -22.77 2.38
N GLY A 169 16.30 -22.93 3.49
CA GLY A 169 17.48 -22.16 3.81
C GLY A 169 18.08 -22.74 5.06
N LEU A 170 19.30 -22.31 5.39
CA LEU A 170 19.97 -22.83 6.53
C LEU A 170 20.86 -21.77 7.15
N THR A 171 21.08 -21.97 8.45
CA THR A 171 21.93 -21.12 9.27
C THR A 171 22.87 -22.02 10.08
N SER A 172 24.15 -21.69 10.12
CA SER A 172 25.08 -22.31 11.05
C SER A 172 25.43 -21.24 12.10
N THR A 173 25.53 -21.62 13.38
CA THR A 173 25.91 -20.64 14.42
C THR A 173 27.36 -20.88 14.89
N LYS A 174 28.11 -21.59 14.08
CA LYS A 174 29.55 -21.78 14.31
C LYS A 174 30.29 -21.11 13.15
N ASN A 175 31.34 -20.34 13.45
CA ASN A 175 32.16 -19.72 12.41
C ASN A 175 33.57 -19.50 12.95
N TYR A 176 34.57 -19.92 12.19
CA TYR A 176 35.96 -19.82 12.68
C TYR A 176 36.18 -20.39 14.07
N GLY A 177 35.74 -21.64 14.29
CA GLY A 177 36.02 -22.31 15.54
C GLY A 177 35.31 -21.79 16.79
N LYS A 178 34.28 -20.98 16.64
CA LYS A 178 33.59 -20.52 17.82
C LYS A 178 32.12 -20.25 17.59
N THR A 179 31.35 -20.31 18.65
CA THR A 179 29.92 -19.98 18.56
C THR A 179 29.79 -18.50 18.22
N ILE A 180 28.99 -18.19 17.22
CA ILE A 180 28.77 -16.78 16.86
C ILE A 180 27.88 -16.11 17.95
N LEU A 181 27.94 -14.78 18.07
CA LEU A 181 27.12 -14.06 19.07
C LEU A 181 25.65 -14.21 18.67
N THR A 182 24.73 -14.13 19.64
CA THR A 182 23.31 -14.18 19.27
C THR A 182 22.94 -13.02 18.34
N LYS A 183 23.52 -11.83 18.56
CA LYS A 183 23.24 -10.70 17.66
C LYS A 183 23.70 -10.97 16.21
N GLU A 184 24.74 -11.79 16.07
CA GLU A 184 25.27 -12.17 14.76
C GLU A 184 24.34 -13.24 14.14
N ALA A 185 23.91 -14.19 14.95
CA ALA A 185 23.03 -15.25 14.46
C ALA A 185 21.70 -14.65 13.94
N ASP A 186 21.17 -13.65 14.67
CA ASP A 186 19.98 -12.93 14.22
C ASP A 186 20.16 -12.40 12.82
N LEU A 187 21.31 -11.77 12.56
CA LEU A 187 21.59 -11.21 11.24
C LEU A 187 21.64 -12.30 10.16
N VAL A 188 22.27 -13.44 10.46
CA VAL A 188 22.36 -14.50 9.45
C VAL A 188 20.98 -14.99 9.03
N THR A 189 20.17 -15.32 10.02
CA THR A 189 18.85 -15.89 9.73
C THR A 189 18.00 -14.85 9.05
N THR A 190 18.18 -13.59 9.46
CA THR A 190 17.43 -12.51 8.81
C THR A 190 17.81 -12.46 7.31
N HIS A 191 19.12 -12.59 7.02
CA HIS A 191 19.65 -12.51 5.65
C HIS A 191 19.15 -13.67 4.79
N GLU A 192 19.18 -14.88 5.35
CA GLU A 192 18.76 -16.06 4.61
C GLU A 192 17.25 -16.03 4.30
N LEU A 193 16.47 -15.67 5.31
CA LEU A 193 15.03 -15.53 5.11
C LEU A 193 14.76 -14.38 4.14
N GLY A 194 15.64 -13.39 4.11
CA GLY A 194 15.58 -12.25 3.21
C GLY A 194 15.57 -12.73 1.77
N HIS A 195 16.54 -13.59 1.46
CA HIS A 195 16.59 -14.28 0.16
C HIS A 195 15.31 -15.06 -0.04
N ASN A 196 14.85 -15.79 0.98
CA ASN A 196 13.59 -16.54 0.82
C ASN A 196 12.42 -15.60 0.46
N PHE A 197 12.37 -14.44 1.11
CA PHE A 197 11.33 -13.43 0.85
C PHE A 197 11.51 -12.71 -0.50
N GLY A 198 12.62 -12.96 -1.18
CA GLY A 198 12.92 -12.45 -2.51
C GLY A 198 14.01 -11.40 -2.70
N ALA A 199 14.72 -11.07 -1.64
CA ALA A 199 15.74 -10.04 -1.76
C ALA A 199 17.06 -10.61 -2.28
N GLU A 200 17.75 -9.83 -3.11
CA GLU A 200 19.06 -10.21 -3.61
C GLU A 200 20.04 -9.42 -2.78
N HIS A 201 21.32 -9.72 -2.94
CA HIS A 201 22.33 -8.99 -2.21
C HIS A 201 22.33 -7.50 -2.59
N ASP A 202 22.49 -6.62 -1.60
CA ASP A 202 22.63 -5.18 -1.88
C ASP A 202 23.95 -4.92 -2.65
N PRO A 203 23.89 -4.11 -3.74
CA PRO A 203 25.09 -3.81 -4.54
C PRO A 203 25.83 -2.55 -4.12
N ASP A 204 27.16 -2.58 -4.23
CA ASP A 204 27.96 -1.40 -3.90
C ASP A 204 27.58 -0.16 -4.71
N GLY A 205 27.23 -0.39 -6.00
CA GLY A 205 26.88 0.69 -6.90
C GLY A 205 25.67 1.52 -6.55
N LEU A 206 24.88 1.09 -5.55
CA LEU A 206 23.71 1.86 -5.15
C LEU A 206 23.93 2.33 -3.74
N ALA A 207 24.43 3.55 -3.58
CA ALA A 207 24.74 4.09 -2.26
C ALA A 207 23.57 4.06 -1.28
N GLU A 208 22.37 4.29 -1.80
CA GLU A 208 21.20 4.25 -0.95
C GLU A 208 21.05 2.89 -0.25
N CYS A 209 21.44 1.82 -0.94
CA CYS A 209 21.31 0.44 -0.45
C CYS A 209 22.57 -0.15 0.15
N ALA A 210 23.69 0.56 0.07
CA ALA A 210 24.95 0.11 0.67
C ALA A 210 25.72 1.31 1.18
N PRO A 211 25.18 1.99 2.20
CA PRO A 211 25.82 3.21 2.74
C PRO A 211 27.22 2.98 3.34
N ASN A 212 28.00 4.07 3.42
CA ASN A 212 29.29 4.04 4.08
C ASN A 212 29.00 3.94 5.59
N GLU A 213 30.06 3.67 6.36
CA GLU A 213 29.96 3.55 7.82
C GLU A 213 29.38 4.75 8.56
N ASP A 214 29.73 5.96 8.16
CA ASP A 214 29.23 7.14 8.84
C ASP A 214 27.74 7.36 8.59
N GLN A 215 27.27 6.81 7.47
CA GLN A 215 25.84 6.90 7.16
C GLN A 215 25.04 5.70 7.67
N GLY A 216 25.58 5.01 8.67
CA GLY A 216 24.90 3.91 9.33
C GLY A 216 25.34 2.51 8.95
N GLY A 217 26.27 2.40 7.99
CA GLY A 217 26.78 1.13 7.52
C GLY A 217 25.85 0.42 6.54
N LYS A 218 26.17 -0.85 6.30
CA LYS A 218 25.45 -1.68 5.36
C LYS A 218 24.14 -2.22 5.91
N TYR A 219 23.25 -2.62 5.00
CA TYR A 219 21.98 -3.26 5.38
C TYR A 219 22.16 -4.78 5.42
N VAL A 220 21.16 -5.45 5.96
CA VAL A 220 21.23 -6.91 6.21
C VAL A 220 21.56 -7.81 4.99
N MET A 221 21.11 -7.41 3.81
CA MET A 221 21.36 -8.16 2.58
C MET A 221 22.72 -7.88 1.90
N TYR A 222 23.61 -7.13 2.55
CA TYR A 222 24.96 -6.90 2.01
C TYR A 222 25.66 -8.29 1.97
N PRO A 223 26.46 -8.55 0.93
CA PRO A 223 26.99 -9.93 0.82
C PRO A 223 28.13 -10.32 1.79
N ILE A 224 28.64 -9.35 2.54
CA ILE A 224 29.72 -9.58 3.49
C ILE A 224 29.15 -9.48 4.90
N ALA A 225 29.44 -10.47 5.74
CA ALA A 225 28.96 -10.50 7.12
C ALA A 225 29.74 -9.56 8.03
N GLY A 228 27.21 -6.51 13.66
CA GLY A 228 25.91 -5.87 13.59
C GLY A 228 25.80 -4.70 14.53
N ASP A 229 26.91 -4.01 14.76
CA ASP A 229 26.86 -2.88 15.67
C ASP A 229 26.34 -1.59 15.02
N HIS A 230 26.33 -1.53 13.70
CA HIS A 230 25.89 -0.31 12.99
C HIS A 230 24.38 -0.25 12.83
N GLU A 231 23.86 0.97 12.84
CA GLU A 231 22.42 1.19 12.77
C GLU A 231 21.69 0.40 11.69
N ASN A 232 22.24 0.40 10.48
CA ASN A 232 21.56 -0.22 9.35
C ASN A 232 21.62 -1.74 9.32
N ASN A 233 22.63 -2.31 9.98
CA ASN A 233 22.90 -3.74 9.94
C ASN A 233 21.69 -4.68 10.08
N LYS A 234 20.76 -4.31 10.95
CA LYS A 234 19.61 -5.16 11.22
C LYS A 234 18.36 -4.79 10.44
N MET A 235 18.50 -3.89 9.49
N MET A 235 18.50 -3.89 9.49
CA MET A 235 17.37 -3.41 8.68
CA MET A 235 17.36 -3.43 8.69
C MET A 235 17.56 -3.81 7.22
C MET A 235 17.56 -3.81 7.22
N PHE A 236 16.46 -3.77 6.46
CA PHE A 236 16.50 -4.07 5.04
C PHE A 236 16.67 -2.74 4.32
N SER A 237 17.45 -2.74 3.23
CA SER A 237 17.62 -1.53 2.43
C SER A 237 16.35 -1.29 1.59
N GLN A 238 16.33 -0.18 0.89
CA GLN A 238 15.20 0.16 0.02
C GLN A 238 15.22 -0.81 -1.16
N CYS A 239 16.42 -1.27 -1.53
CA CYS A 239 16.55 -2.26 -2.59
C CYS A 239 15.87 -3.57 -2.18
N SER A 240 16.20 -4.05 -0.99
CA SER A 240 15.60 -5.29 -0.48
C SER A 240 14.08 -5.16 -0.38
N LYS A 241 13.63 -4.03 0.18
CA LYS A 241 12.19 -3.75 0.31
C LYS A 241 11.47 -3.76 -1.03
N GLN A 242 12.04 -3.11 -2.05
CA GLN A 242 11.42 -3.13 -3.39
C GLN A 242 11.29 -4.56 -3.96
N SER A 243 12.36 -5.35 -3.81
CA SER A 243 12.32 -6.73 -4.32
C SER A 243 11.31 -7.57 -3.54
N ILE A 244 11.34 -7.48 -2.22
CA ILE A 244 10.44 -8.30 -1.43
C ILE A 244 8.97 -7.93 -1.72
N TYR A 245 8.72 -6.64 -1.69
CA TYR A 245 7.39 -6.11 -1.98
C TYR A 245 6.77 -6.61 -3.30
N LYS A 246 7.57 -6.79 -4.35
CA LYS A 246 7.03 -7.21 -5.65
C LYS A 246 6.18 -8.50 -5.72
N THR A 247 6.47 -9.42 -4.81
CA THR A 247 5.85 -10.75 -4.80
C THR A 247 5.24 -11.12 -3.44
N ILE A 248 5.59 -10.37 -2.39
CA ILE A 248 5.07 -10.66 -1.08
C ILE A 248 3.55 -10.85 -1.07
N GLU A 249 2.79 -9.91 -1.59
CA GLU A 249 1.32 -10.06 -1.51
C GLU A 249 0.79 -11.27 -2.27
N SER A 250 1.36 -11.52 -3.46
CA SER A 250 1.00 -12.71 -4.23
C SER A 250 1.47 -13.96 -3.49
N LYS A 251 2.69 -13.92 -2.94
CA LYS A 251 3.11 -15.09 -2.18
C LYS A 251 2.26 -15.25 -0.95
N ALA A 252 1.88 -14.13 -0.33
CA ALA A 252 1.05 -14.18 0.88
C ALA A 252 -0.28 -14.91 0.59
N GLN A 253 -0.91 -14.53 -0.50
CA GLN A 253 -2.18 -15.19 -0.84
C GLN A 253 -1.93 -16.66 -1.17
N GLU A 254 -0.78 -16.98 -1.71
CA GLU A 254 -0.47 -18.38 -2.01
C GLU A 254 -0.27 -19.29 -0.75
N CYS A 255 0.54 -18.86 0.22
CA CYS A 255 0.82 -19.73 1.36
C CYS A 255 0.92 -19.12 2.77
N PHE A 256 0.77 -17.82 2.91
CA PHE A 256 0.83 -17.20 4.24
C PHE A 256 -0.46 -17.50 5.00
N GLN A 257 -0.37 -17.42 6.33
CA GLN A 257 -1.51 -17.72 7.17
C GLN A 257 -1.75 -16.65 8.23
N GLU A 258 -2.79 -16.86 9.04
CA GLU A 258 -3.08 -15.90 10.09
C GLU A 258 -2.03 -16.01 11.18
N ARG A 259 -1.62 -14.87 11.72
CA ARG A 259 -0.69 -14.83 12.83
C ARG A 259 -1.35 -15.51 14.04
N SER A 260 -0.60 -16.35 14.75
CA SER A 260 -1.11 -17.00 15.95
C SER A 260 -0.76 -16.20 17.21
N PRO B 6 -36.09 33.64 -2.48
CA PRO B 6 -36.60 32.75 -3.52
C PRO B 6 -37.25 31.47 -2.94
N MET B 7 -37.47 30.50 -3.80
CA MET B 7 -38.12 29.26 -3.38
C MET B 7 -37.21 28.08 -3.71
N LYS B 8 -36.89 27.97 -5.00
CA LYS B 8 -36.01 26.96 -5.55
C LYS B 8 -34.62 27.46 -5.21
N ASN B 9 -34.17 27.16 -4.00
CA ASN B 9 -32.88 27.65 -3.53
C ASN B 9 -31.89 26.52 -3.24
N THR B 10 -32.28 25.29 -3.56
CA THR B 10 -31.43 24.14 -3.23
C THR B 10 -31.01 23.26 -4.39
N CYS B 11 -29.70 23.06 -4.53
CA CYS B 11 -29.17 22.15 -5.52
C CYS B 11 -29.04 20.78 -4.84
N LYS B 12 -29.89 19.84 -5.24
CA LYS B 12 -29.85 18.48 -4.70
C LYS B 12 -28.71 17.69 -5.26
N LEU B 13 -28.00 16.98 -4.38
CA LEU B 13 -26.85 16.22 -4.78
C LEU B 13 -26.98 14.72 -4.68
N LEU B 14 -26.35 14.07 -5.64
CA LEU B 14 -26.13 12.64 -5.59
C LEU B 14 -24.69 12.53 -5.14
N VAL B 15 -24.47 11.90 -3.99
CA VAL B 15 -23.13 11.79 -3.45
C VAL B 15 -22.68 10.34 -3.56
N VAL B 16 -21.52 10.12 -4.15
CA VAL B 16 -21.01 8.77 -4.32
C VAL B 16 -19.70 8.57 -3.68
N ALA B 17 -19.60 7.57 -2.81
CA ALA B 17 -18.32 7.25 -2.22
C ALA B 17 -17.85 5.96 -2.86
N ASP B 18 -16.66 5.97 -3.44
CA ASP B 18 -16.13 4.78 -4.11
C ASP B 18 -15.49 3.82 -3.10
N HIS B 19 -15.09 2.65 -3.55
CA HIS B 19 -14.48 1.65 -2.68
C HIS B 19 -13.19 2.11 -2.00
N ARG B 20 -12.45 3.04 -2.62
CA ARG B 20 -11.23 3.56 -2.01
C ARG B 20 -11.58 4.50 -0.83
N PHE B 21 -12.60 5.33 -1.01
CA PHE B 21 -13.06 6.23 0.07
C PHE B 21 -13.65 5.41 1.25
N TYR B 22 -14.49 4.44 0.92
CA TYR B 22 -15.14 3.61 1.93
C TYR B 22 -14.11 2.88 2.81
N ARG B 23 -13.08 2.32 2.17
CA ARG B 23 -12.04 1.54 2.84
C ARG B 23 -10.96 2.33 3.58
N TYR B 24 -10.54 3.45 3.02
CA TYR B 24 -9.49 4.23 3.65
C TYR B 24 -9.99 5.45 4.39
N MET B 25 -11.28 5.76 4.28
CA MET B 25 -11.84 6.90 4.96
C MET B 25 -13.00 6.49 5.85
N GLY B 26 -13.81 5.55 5.36
CA GLY B 26 -14.99 5.11 6.07
C GLY B 26 -14.77 3.92 6.99
N ARG B 27 -13.52 3.50 7.13
CA ARG B 27 -13.18 2.35 7.98
C ARG B 27 -13.95 1.08 7.57
N GLY B 28 -14.15 0.89 6.28
CA GLY B 28 -14.87 -0.27 5.78
C GLY B 28 -16.28 -0.35 6.35
N GLU B 29 -16.78 0.77 6.85
CA GLU B 29 -18.13 0.80 7.41
C GLU B 29 -19.05 1.79 6.73
N GLU B 30 -20.28 1.35 6.48
CA GLU B 30 -21.29 2.17 5.86
C GLU B 30 -21.62 3.39 6.72
N SER B 31 -21.74 3.17 8.03
CA SER B 31 -22.06 4.25 8.96
C SER B 31 -21.04 5.39 8.99
N THR B 32 -19.76 5.06 9.16
CA THR B 32 -18.66 6.03 9.23
C THR B 32 -18.54 6.81 7.92
N THR B 33 -18.57 6.06 6.82
CA THR B 33 -18.49 6.62 5.48
C THR B 33 -19.62 7.62 5.31
N THR B 34 -20.84 7.19 5.64
CA THR B 34 -22.03 8.03 5.54
C THR B 34 -21.92 9.30 6.38
N ASN B 35 -21.57 9.12 7.66
CA ASN B 35 -21.48 10.25 8.58
C ASN B 35 -20.48 11.33 8.11
N TYR B 36 -19.30 10.89 7.67
CA TYR B 36 -18.29 11.82 7.18
C TYR B 36 -18.87 12.74 6.09
N LEU B 37 -19.58 12.13 5.13
CA LEU B 37 -20.12 12.86 3.98
C LEU B 37 -21.27 13.77 4.35
N ILE B 38 -22.18 13.27 5.18
CA ILE B 38 -23.32 14.05 5.63
C ILE B 38 -22.80 15.33 6.31
N GLU B 39 -21.83 15.17 7.20
CA GLU B 39 -21.27 16.33 7.92
C GLU B 39 -20.52 17.28 7.01
N LEU B 40 -19.75 16.75 6.08
CA LEU B 40 -18.98 17.59 5.14
C LEU B 40 -19.97 18.42 4.29
N ILE B 41 -20.99 17.77 3.72
CA ILE B 41 -22.00 18.48 2.90
C ILE B 41 -22.73 19.56 3.69
N ASP B 42 -23.07 19.25 4.95
CA ASP B 42 -23.71 20.25 5.80
C ASP B 42 -22.82 21.48 6.07
N ARG B 43 -21.52 21.27 6.33
CA ARG B 43 -20.61 22.40 6.59
C ARG B 43 -20.41 23.24 5.31
N VAL B 44 -20.27 22.56 4.17
CA VAL B 44 -20.07 23.24 2.89
C VAL B 44 -21.34 24.04 2.59
N ASP B 45 -22.50 23.44 2.90
CA ASP B 45 -23.77 24.14 2.72
C ASP B 45 -23.80 25.42 3.58
N ASP B 46 -23.28 25.39 4.80
CA ASP B 46 -23.31 26.60 5.63
C ASP B 46 -22.60 27.73 4.88
N ILE B 47 -21.50 27.39 4.20
CA ILE B 47 -20.75 28.40 3.46
C ILE B 47 -21.61 28.93 2.30
N TYR B 48 -22.18 28.03 1.52
CA TYR B 48 -23.03 28.48 0.43
C TYR B 48 -24.22 29.32 0.88
N ARG B 49 -24.93 28.85 1.91
CA ARG B 49 -26.16 29.56 2.36
C ARG B 49 -25.93 30.98 2.82
N ASN B 50 -24.80 31.21 3.48
CA ASN B 50 -24.48 32.55 3.97
C ASN B 50 -23.89 33.45 2.90
N THR B 51 -23.67 32.93 1.69
CA THR B 51 -23.05 33.77 0.67
C THR B 51 -24.11 34.65 0.01
N ALA B 52 -23.87 35.98 0.00
CA ALA B 52 -24.77 36.93 -0.66
C ALA B 52 -24.22 37.15 -2.05
N TRP B 53 -24.79 36.46 -3.03
CA TRP B 53 -24.30 36.49 -4.37
C TRP B 53 -24.28 37.89 -5.04
N ASP B 54 -25.03 38.82 -4.45
CA ASP B 54 -25.11 40.20 -4.94
C ASP B 54 -24.52 41.18 -3.94
N ASN B 55 -23.92 40.67 -2.87
CA ASN B 55 -23.32 41.49 -1.83
C ASN B 55 -24.32 42.24 -0.97
N ALA B 56 -25.58 41.98 -1.22
CA ALA B 56 -26.65 42.59 -0.43
C ALA B 56 -27.15 41.47 0.45
N GLY B 57 -28.35 40.98 0.13
CA GLY B 57 -28.94 39.90 0.88
C GLY B 57 -29.46 38.78 0.00
N PHE B 58 -29.04 38.73 -1.26
CA PHE B 58 -29.50 37.64 -2.12
C PHE B 58 -28.73 36.35 -1.73
N LYS B 59 -29.15 35.74 -0.61
CA LYS B 59 -28.50 34.55 -0.08
C LYS B 59 -29.53 33.45 0.22
N GLY B 60 -29.07 32.32 0.75
CA GLY B 60 -29.97 31.23 1.06
C GLY B 60 -29.93 30.10 0.06
N TYR B 61 -29.05 30.20 -0.93
CA TYR B 61 -28.88 29.14 -1.90
C TYR B 61 -27.83 28.17 -1.37
N GLY B 62 -28.04 26.88 -1.62
CA GLY B 62 -27.13 25.89 -1.13
C GLY B 62 -27.32 24.53 -1.72
N ILE B 63 -26.86 23.54 -0.99
CA ILE B 63 -26.84 22.18 -1.47
C ILE B 63 -27.48 21.31 -0.43
N GLN B 64 -27.86 20.11 -0.83
CA GLN B 64 -28.47 19.16 0.08
C GLN B 64 -28.32 17.78 -0.53
N ILE B 65 -27.83 16.83 0.25
CA ILE B 65 -27.70 15.44 -0.23
C ILE B 65 -29.10 14.92 -0.53
N GLU B 66 -29.28 14.40 -1.74
CA GLU B 66 -30.55 13.80 -2.13
C GLU B 66 -30.38 12.31 -1.91
N GLN B 67 -29.22 11.79 -2.30
CA GLN B 67 -28.92 10.37 -2.12
C GLN B 67 -27.45 10.15 -1.97
N ILE B 68 -27.10 9.23 -1.11
CA ILE B 68 -25.73 8.81 -0.94
C ILE B 68 -25.61 7.40 -1.52
N ARG B 69 -24.51 7.13 -2.22
CA ARG B 69 -24.25 5.80 -2.74
C ARG B 69 -22.87 5.34 -2.32
N ILE B 70 -22.83 4.25 -1.56
CA ILE B 70 -21.54 3.74 -1.11
C ILE B 70 -21.20 2.52 -1.93
N LEU B 71 -20.00 2.50 -2.50
CA LEU B 71 -19.55 1.35 -3.28
C LEU B 71 -18.59 0.56 -2.41
N LYS B 72 -19.13 -0.41 -1.69
CA LYS B 72 -18.31 -1.19 -0.76
C LYS B 72 -17.17 -1.98 -1.39
N SER B 73 -17.37 -2.41 -2.63
CA SER B 73 -16.33 -3.17 -3.35
C SER B 73 -16.08 -2.57 -4.74
N PRO B 74 -14.89 -2.82 -5.31
CA PRO B 74 -14.48 -2.36 -6.64
C PRO B 74 -15.40 -2.98 -7.67
N GLN B 75 -15.51 -2.34 -8.84
CA GLN B 75 -16.38 -2.86 -9.89
C GLN B 75 -15.60 -3.85 -10.76
N GLU B 76 -16.22 -5.01 -11.01
CA GLU B 76 -15.61 -6.03 -11.85
C GLU B 76 -15.71 -5.58 -13.30
N VAL B 77 -14.59 -5.56 -14.01
CA VAL B 77 -14.59 -5.13 -15.41
C VAL B 77 -14.06 -6.17 -16.42
N LYS B 78 -14.70 -6.24 -17.60
CA LYS B 78 -14.21 -7.10 -18.68
C LYS B 78 -12.92 -6.49 -19.21
N PRO B 79 -12.05 -7.31 -19.83
CA PRO B 79 -10.77 -6.81 -20.34
C PRO B 79 -10.94 -5.63 -21.31
N GLY B 80 -10.12 -4.60 -21.12
CA GLY B 80 -10.16 -3.41 -21.96
C GLY B 80 -11.26 -2.47 -21.50
N GLU B 81 -12.16 -2.99 -20.68
CA GLU B 81 -13.27 -2.22 -20.14
C GLU B 81 -12.77 -1.38 -18.94
N LYS B 82 -13.46 -0.27 -18.66
CA LYS B 82 -13.06 0.67 -17.61
C LYS B 82 -14.27 1.03 -16.81
N HIS B 83 -14.04 1.46 -15.58
CA HIS B 83 -15.14 1.85 -14.71
C HIS B 83 -14.50 2.73 -13.63
N TYR B 84 -15.22 3.73 -13.17
CA TYR B 84 -14.62 4.64 -12.17
C TYR B 84 -14.35 3.93 -10.86
N ASN B 85 -15.19 2.96 -10.54
CA ASN B 85 -15.04 2.19 -9.31
C ASN B 85 -14.15 0.94 -9.41
N MET B 86 -13.62 0.67 -10.60
CA MET B 86 -12.79 -0.51 -10.77
C MET B 86 -11.58 -0.50 -9.85
N ALA B 87 -10.99 -1.69 -9.62
CA ALA B 87 -9.88 -1.82 -8.69
C ALA B 87 -8.65 -1.08 -9.12
N LYS B 88 -8.32 -1.19 -10.39
CA LYS B 88 -7.12 -0.59 -10.90
C LYS B 88 -7.29 0.86 -11.35
N SER B 89 -6.18 1.59 -11.28
CA SER B 89 -6.13 2.97 -11.74
C SER B 89 -6.02 2.97 -13.26
N TYR B 90 -6.31 4.10 -13.88
CA TYR B 90 -6.22 4.25 -15.33
C TYR B 90 -5.72 5.65 -15.64
N PRO B 91 -4.80 5.78 -16.61
CA PRO B 91 -4.23 4.81 -17.56
C PRO B 91 -3.05 3.99 -17.05
N ASN B 92 -2.24 4.55 -16.15
CA ASN B 92 -1.09 3.83 -15.59
C ASN B 92 -1.57 3.00 -14.41
N GLU B 93 -1.69 1.69 -14.63
CA GLU B 93 -2.18 0.80 -13.59
C GLU B 93 -1.20 0.68 -12.41
N GLU B 94 0.04 1.10 -12.64
CA GLU B 94 1.10 1.03 -11.63
C GLU B 94 1.06 2.14 -10.59
N LYS B 95 0.38 3.24 -10.93
CA LYS B 95 0.28 4.38 -10.04
C LYS B 95 -0.93 4.31 -9.11
N ASP B 96 -0.83 4.98 -7.96
CA ASP B 96 -1.92 4.99 -6.98
C ASP B 96 -3.24 5.60 -7.53
N ALA B 97 -3.13 6.62 -8.38
CA ALA B 97 -4.31 7.28 -8.90
C ALA B 97 -4.47 7.32 -10.44
N TRP B 98 -5.70 7.54 -10.86
CA TRP B 98 -6.04 7.71 -12.26
C TRP B 98 -5.52 9.07 -12.68
N ASP B 99 -5.61 9.35 -13.97
CA ASP B 99 -5.36 10.70 -14.48
C ASP B 99 -6.70 11.33 -14.07
N VAL B 100 -6.67 12.45 -13.35
CA VAL B 100 -7.89 13.06 -12.81
C VAL B 100 -8.97 13.41 -13.85
N LYS B 101 -8.56 13.95 -15.00
CA LYS B 101 -9.53 14.28 -16.06
C LYS B 101 -10.26 13.04 -16.59
N MET B 102 -9.49 11.98 -16.87
CA MET B 102 -10.07 10.72 -17.33
C MET B 102 -10.99 10.13 -16.28
N LEU B 103 -10.58 10.22 -15.00
CA LEU B 103 -11.45 9.71 -13.96
C LEU B 103 -12.79 10.44 -13.92
N LEU B 104 -12.79 11.77 -14.00
CA LEU B 104 -14.04 12.51 -13.93
C LEU B 104 -14.92 12.21 -15.13
N GLU B 105 -14.29 12.08 -16.30
CA GLU B 105 -15.06 11.76 -17.50
C GLU B 105 -15.61 10.35 -17.33
N GLN B 106 -14.79 9.43 -16.82
CA GLN B 106 -15.30 8.06 -16.59
C GLN B 106 -16.43 8.00 -15.59
N PHE B 107 -16.31 8.75 -14.48
CA PHE B 107 -17.38 8.77 -13.48
C PHE B 107 -18.66 9.28 -14.14
N SER B 108 -18.55 10.38 -14.90
CA SER B 108 -19.76 10.94 -15.50
C SER B 108 -20.43 9.95 -16.47
N PHE B 109 -19.62 9.17 -17.17
CA PHE B 109 -20.18 8.21 -18.11
C PHE B 109 -20.99 7.15 -17.32
N ASP B 110 -20.35 6.57 -16.30
CA ASP B 110 -21.02 5.54 -15.46
C ASP B 110 -22.29 5.92 -14.71
N ILE B 111 -22.35 7.13 -14.15
CA ILE B 111 -23.54 7.57 -13.40
C ILE B 111 -24.53 8.33 -14.20
N ALA B 112 -24.37 8.32 -15.53
CA ALA B 112 -25.23 9.12 -16.41
C ALA B 112 -26.69 8.98 -16.07
N GLU B 113 -27.17 7.73 -16.01
CA GLU B 113 -28.59 7.49 -15.74
C GLU B 113 -29.07 8.22 -14.48
N GLU B 114 -28.30 8.11 -13.39
CA GLU B 114 -28.62 8.80 -12.13
C GLU B 114 -28.37 10.33 -12.18
N ALA B 115 -27.20 10.71 -12.70
CA ALA B 115 -26.87 12.13 -12.82
C ALA B 115 -27.97 12.91 -13.58
N SER B 116 -28.66 12.24 -14.51
CA SER B 116 -29.74 12.87 -15.26
C SER B 116 -30.91 13.33 -14.42
N LYS B 117 -31.02 12.83 -13.20
CA LYS B 117 -32.17 13.18 -12.36
C LYS B 117 -31.88 14.12 -11.20
N VAL B 118 -30.63 14.58 -11.08
CA VAL B 118 -30.25 15.48 -9.98
C VAL B 118 -29.53 16.74 -10.44
N CYS B 119 -29.50 17.75 -9.57
CA CYS B 119 -28.78 18.99 -9.85
C CYS B 119 -27.27 18.75 -10.08
N LEU B 120 -26.63 17.98 -9.20
CA LEU B 120 -25.23 17.59 -9.37
C LEU B 120 -25.01 16.21 -8.80
N ALA B 121 -23.95 15.56 -9.28
CA ALA B 121 -23.43 14.32 -8.76
C ALA B 121 -21.99 14.65 -8.35
N HIS B 122 -21.55 14.11 -7.21
CA HIS B 122 -20.17 14.33 -6.77
C HIS B 122 -19.52 13.00 -6.32
N LEU B 123 -18.31 12.74 -6.81
CA LEU B 123 -17.56 11.54 -6.47
C LEU B 123 -16.57 11.85 -5.36
N PHE B 124 -16.60 11.01 -4.33
CA PHE B 124 -15.62 11.12 -3.25
C PHE B 124 -14.76 9.89 -3.31
N THR B 125 -13.47 10.10 -3.45
CA THR B 125 -12.56 8.99 -3.59
C THR B 125 -11.37 9.20 -2.66
N TYR B 126 -10.47 8.23 -2.69
CA TYR B 126 -9.23 8.29 -1.93
C TYR B 126 -8.11 7.78 -2.82
N GLN B 127 -7.48 8.67 -3.60
CA GLN B 127 -6.34 8.35 -4.46
C GLN B 127 -5.42 9.55 -4.57
N ASP B 128 -4.13 9.32 -4.70
CA ASP B 128 -3.14 10.38 -4.75
C ASP B 128 -2.83 10.85 -6.17
N PHE B 129 -3.65 11.77 -6.67
CA PHE B 129 -3.46 12.34 -8.01
C PHE B 129 -2.12 13.04 -8.03
N ASP B 130 -1.51 13.09 -9.19
CA ASP B 130 -0.21 13.70 -9.34
C ASP B 130 -0.23 15.21 -9.11
N MET B 131 0.93 15.71 -8.70
CA MET B 131 1.18 17.13 -8.52
C MET B 131 0.28 17.94 -7.57
N GLY B 132 -0.21 17.31 -6.52
CA GLY B 132 -1.01 18.01 -5.54
C GLY B 132 -2.45 18.30 -5.97
N THR B 133 -2.91 17.64 -7.03
CA THR B 133 -4.29 17.77 -7.47
C THR B 133 -5.19 17.02 -6.52
N LEU B 134 -6.27 17.69 -6.09
CA LEU B 134 -7.21 17.12 -5.15
C LEU B 134 -8.63 16.90 -5.69
N GLY B 135 -9.00 17.64 -6.74
CA GLY B 135 -10.32 17.51 -7.28
C GLY B 135 -10.44 18.15 -8.64
N LEU B 136 -11.63 18.03 -9.22
CA LEU B 136 -11.89 18.55 -10.57
C LEU B 136 -13.39 18.64 -10.71
N ALA B 137 -13.86 19.54 -11.56
CA ALA B 137 -15.29 19.69 -11.73
C ALA B 137 -15.55 20.45 -13.01
N TYR B 138 -16.75 20.29 -13.53
CA TYR B 138 -17.14 20.98 -14.78
C TYR B 138 -17.97 22.23 -14.43
N GLY B 139 -17.96 23.19 -15.36
CA GLY B 139 -18.81 24.35 -15.22
C GLY B 139 -18.08 25.67 -15.31
N GLY B 140 -16.76 25.63 -15.08
CA GLY B 140 -15.91 26.80 -15.14
C GLY B 140 -14.70 26.70 -16.05
N SER B 141 -14.73 25.81 -17.04
CA SER B 141 -13.62 25.69 -17.99
C SER B 141 -14.21 25.44 -19.37
N PRO B 142 -13.64 26.09 -20.41
CA PRO B 142 -12.42 26.93 -20.39
C PRO B 142 -12.63 28.37 -19.91
N ARG B 143 -13.84 28.68 -19.50
CA ARG B 143 -14.14 30.00 -18.96
C ARG B 143 -15.31 29.81 -18.01
N ALA B 144 -15.60 30.86 -17.25
CA ALA B 144 -16.69 30.84 -16.27
C ALA B 144 -18.00 30.53 -16.98
N ASN B 145 -18.91 29.87 -16.29
CA ASN B 145 -20.22 29.59 -16.88
C ASN B 145 -20.16 28.88 -18.23
N SER B 146 -19.31 27.86 -18.35
CA SER B 146 -19.18 27.13 -19.59
C SER B 146 -20.07 25.85 -19.58
N HIS B 147 -19.73 24.86 -20.40
CA HIS B 147 -20.51 23.61 -20.41
C HIS B 147 -20.48 22.96 -19.04
N GLY B 148 -21.57 22.31 -18.66
CA GLY B 148 -21.56 21.58 -17.42
C GLY B 148 -21.93 22.38 -16.20
N GLY B 149 -21.71 21.80 -15.03
CA GLY B 149 -22.09 22.50 -13.81
C GLY B 149 -23.52 22.10 -13.44
N VAL B 150 -24.11 22.86 -12.53
CA VAL B 150 -25.45 22.56 -12.01
C VAL B 150 -26.51 22.36 -13.08
N CYS B 151 -27.40 21.40 -12.80
CA CYS B 151 -28.57 21.13 -13.66
C CYS B 151 -28.26 20.20 -14.81
N PRO B 152 -28.88 19.02 -14.81
CA PRO B 152 -28.54 18.06 -15.87
C PRO B 152 -28.88 18.56 -17.28
N LYS B 153 -27.93 18.37 -18.18
CA LYS B 153 -28.11 18.75 -19.60
C LYS B 153 -27.33 17.71 -20.36
N ALA B 154 -28.01 16.97 -21.23
CA ALA B 154 -27.30 15.91 -21.93
C ALA B 154 -26.29 16.46 -22.91
N TYR B 155 -25.19 15.72 -23.05
CA TYR B 155 -24.12 15.96 -24.01
C TYR B 155 -23.84 14.58 -24.60
N TYR B 156 -24.04 14.41 -25.90
CA TYR B 156 -23.75 13.12 -26.48
C TYR B 156 -22.24 12.83 -26.53
N SER B 157 -21.84 11.67 -26.02
CA SER B 157 -20.46 11.23 -26.05
C SER B 157 -20.31 10.24 -27.22
N PRO B 158 -19.57 10.61 -28.28
CA PRO B 158 -19.43 9.73 -29.45
C PRO B 158 -18.70 8.42 -29.06
N VAL B 159 -17.65 8.52 -28.25
CA VAL B 159 -16.96 7.34 -27.78
C VAL B 159 -17.90 6.45 -26.96
N GLY B 160 -18.70 7.08 -26.10
CA GLY B 160 -19.61 6.39 -25.21
C GLY B 160 -20.89 5.90 -25.86
N LYS B 161 -21.18 6.40 -27.06
CA LYS B 161 -22.39 6.01 -27.78
C LYS B 161 -23.64 6.24 -26.96
N LYS B 162 -23.63 7.25 -26.09
CA LYS B 162 -24.82 7.59 -25.31
C LYS B 162 -24.62 8.97 -24.73
N ASN B 163 -25.71 9.53 -24.22
CA ASN B 163 -25.69 10.82 -23.55
C ASN B 163 -25.01 10.71 -22.19
N ILE B 164 -24.19 11.71 -21.86
CA ILE B 164 -23.57 11.76 -20.55
C ILE B 164 -23.97 13.11 -20.02
N TYR B 165 -23.66 13.37 -18.75
CA TYR B 165 -24.00 14.67 -18.17
C TYR B 165 -22.74 15.24 -17.53
N LEU B 166 -22.63 16.57 -17.57
CA LEU B 166 -21.45 17.30 -17.04
C LEU B 166 -21.75 18.02 -15.72
N ASN B 167 -22.82 17.58 -15.04
CA ASN B 167 -23.21 18.16 -13.76
C ASN B 167 -22.48 17.40 -12.64
N SER B 168 -21.17 17.28 -12.79
CA SER B 168 -20.39 16.47 -11.87
C SER B 168 -19.06 17.06 -11.43
N GLY B 169 -18.48 16.42 -10.42
CA GLY B 169 -17.20 16.84 -9.90
C GLY B 169 -16.70 15.74 -8.98
N LEU B 170 -15.44 15.85 -8.60
CA LEU B 170 -14.88 14.88 -7.68
C LEU B 170 -13.94 15.50 -6.68
N THR B 171 -13.81 14.84 -5.53
CA THR B 171 -12.92 15.29 -4.49
C THR B 171 -12.18 14.03 -3.99
N SER B 172 -10.86 14.13 -3.88
CA SER B 172 -10.09 13.08 -3.24
C SER B 172 -9.58 13.62 -1.89
N THR B 173 -9.59 12.75 -0.88
CA THR B 173 -9.07 13.13 0.44
C THR B 173 -7.62 12.65 0.74
N LYS B 174 -6.95 12.17 -0.30
CA LYS B 174 -5.55 11.74 -0.18
C LYS B 174 -4.66 12.65 -1.01
N ASN B 175 -3.56 13.08 -0.40
CA ASN B 175 -2.62 13.95 -1.08
C ASN B 175 -1.22 13.69 -0.51
N TYR B 176 -0.22 13.61 -1.39
CA TYR B 176 1.17 13.34 -0.98
C TYR B 176 1.33 12.26 0.09
N GLY B 177 0.70 11.12 -0.14
CA GLY B 177 0.78 9.94 0.70
C GLY B 177 0.03 9.92 2.01
N LYS B 178 -0.74 10.97 2.28
CA LYS B 178 -1.49 11.09 3.53
C LYS B 178 -2.94 11.56 3.34
N THR B 179 -3.76 11.28 4.35
CA THR B 179 -5.15 11.74 4.37
C THR B 179 -5.10 13.25 4.61
N ILE B 180 -5.89 14.04 3.87
CA ILE B 180 -5.87 15.49 4.12
C ILE B 180 -6.76 15.81 5.37
N LEU B 181 -6.60 16.99 5.91
CA LEU B 181 -7.41 17.37 7.07
C LEU B 181 -8.88 17.55 6.66
N THR B 182 -9.81 17.22 7.55
CA THR B 182 -11.23 17.43 7.27
C THR B 182 -11.46 18.88 6.82
N LYS B 183 -10.78 19.84 7.44
CA LYS B 183 -10.97 21.24 7.04
C LYS B 183 -10.51 21.46 5.57
N GLU B 184 -9.45 20.73 5.17
CA GLU B 184 -8.93 20.78 3.79
C GLU B 184 -9.91 20.14 2.79
N ALA B 185 -10.53 19.04 3.19
CA ALA B 185 -11.55 18.39 2.35
C ALA B 185 -12.76 19.34 2.12
N ASP B 186 -13.15 20.08 3.17
CA ASP B 186 -14.25 21.08 3.06
C ASP B 186 -13.90 22.12 1.98
N LEU B 187 -12.66 22.62 2.01
CA LEU B 187 -12.17 23.60 1.03
C LEU B 187 -12.22 23.06 -0.41
N VAL B 188 -11.78 21.82 -0.60
CA VAL B 188 -11.74 21.26 -1.96
C VAL B 188 -13.13 21.09 -2.49
N THR B 189 -14.00 20.48 -1.70
CA THR B 189 -15.40 20.29 -2.13
C THR B 189 -16.11 21.61 -2.41
N THR B 190 -15.86 22.61 -1.57
CA THR B 190 -16.44 23.92 -1.78
C THR B 190 -15.98 24.48 -3.13
N HIS B 191 -14.68 24.38 -3.36
CA HIS B 191 -14.04 24.86 -4.61
C HIS B 191 -14.59 24.12 -5.83
N GLU B 192 -14.64 22.79 -5.79
CA GLU B 192 -15.19 22.02 -6.93
C GLU B 192 -16.67 22.37 -7.21
N LEU B 193 -17.52 22.39 -6.16
CA LEU B 193 -18.90 22.82 -6.30
C LEU B 193 -18.96 24.27 -6.82
N GLY B 194 -17.95 25.07 -6.46
CA GLY B 194 -17.85 26.44 -6.94
C GLY B 194 -17.76 26.49 -8.46
N HIS B 195 -16.93 25.63 -9.04
CA HIS B 195 -16.86 25.50 -10.51
C HIS B 195 -18.22 25.05 -11.06
N ASN B 196 -18.85 24.07 -10.39
CA ASN B 196 -20.17 23.56 -10.80
C ASN B 196 -21.19 24.71 -10.83
N PHE B 197 -21.12 25.62 -9.86
CA PHE B 197 -22.02 26.77 -9.78
C PHE B 197 -21.65 27.86 -10.80
N GLY B 198 -20.57 27.62 -11.56
CA GLY B 198 -20.13 28.46 -12.67
C GLY B 198 -18.88 29.30 -12.49
N ALA B 199 -18.27 29.26 -11.30
CA ALA B 199 -17.09 30.09 -11.04
C ALA B 199 -15.79 29.57 -11.68
N GLU B 200 -14.93 30.50 -12.08
CA GLU B 200 -13.60 30.14 -12.57
C GLU B 200 -12.65 30.51 -11.44
N HIS B 201 -11.35 30.34 -11.65
CA HIS B 201 -10.40 30.67 -10.59
C HIS B 201 -10.29 32.16 -10.41
N ASP B 202 -10.00 32.55 -9.17
CA ASP B 202 -9.70 33.93 -8.86
C ASP B 202 -8.33 34.23 -9.49
N PRO B 203 -7.97 35.51 -9.70
CA PRO B 203 -6.62 35.83 -10.18
C PRO B 203 -5.56 35.47 -9.12
N ASP B 204 -4.36 35.10 -9.56
CA ASP B 204 -3.27 34.82 -8.64
C ASP B 204 -2.58 36.13 -8.18
N GLY B 205 -1.79 36.04 -7.11
CA GLY B 205 -1.05 37.18 -6.59
C GLY B 205 -1.86 38.12 -5.68
N LEU B 206 -1.88 39.39 -6.04
CA LEU B 206 -2.58 40.40 -5.25
C LEU B 206 -3.58 41.12 -6.16
N ALA B 207 -4.86 41.07 -5.79
CA ALA B 207 -5.93 41.72 -6.54
C ALA B 207 -7.12 41.84 -5.61
N GLU B 208 -8.19 42.48 -6.07
CA GLU B 208 -9.38 42.63 -5.25
C GLU B 208 -9.87 41.23 -4.84
N CYS B 209 -9.79 40.29 -5.78
CA CYS B 209 -10.25 38.93 -5.52
C CYS B 209 -9.19 37.97 -5.00
N ALA B 210 -8.05 38.52 -4.60
CA ALA B 210 -6.94 37.74 -4.03
C ALA B 210 -6.20 38.60 -3.02
N PRO B 211 -6.86 38.87 -1.87
CA PRO B 211 -6.35 39.74 -0.78
C PRO B 211 -5.07 39.26 -0.14
N ASN B 212 -4.37 40.19 0.51
CA ASN B 212 -3.13 39.85 1.23
C ASN B 212 -3.53 39.14 2.54
N GLU B 213 -2.55 38.59 3.24
CA GLU B 213 -2.74 37.88 4.50
C GLU B 213 -3.44 38.75 5.54
N ASP B 214 -3.12 40.04 5.52
CA ASP B 214 -3.66 41.00 6.46
C ASP B 214 -5.15 41.23 6.29
N GLN B 215 -5.65 40.98 5.09
CA GLN B 215 -7.07 41.14 4.81
C GLN B 215 -7.82 39.80 4.87
N GLY B 216 -7.14 38.75 5.30
CA GLY B 216 -7.76 37.43 5.47
C GLY B 216 -7.28 36.35 4.53
N GLY B 217 -6.36 36.69 3.61
CA GLY B 217 -5.83 35.70 2.67
C GLY B 217 -6.72 35.50 1.45
N LYS B 218 -6.38 34.47 0.67
CA LYS B 218 -7.09 34.16 -0.58
C LYS B 218 -8.50 33.62 -0.34
N TYR B 219 -9.31 33.70 -1.38
CA TYR B 219 -10.66 33.18 -1.36
C TYR B 219 -10.67 31.78 -1.91
N VAL B 220 -11.77 31.08 -1.71
CA VAL B 220 -11.86 29.64 -2.02
C VAL B 220 -11.56 29.18 -3.49
N MET B 221 -11.84 30.06 -4.46
CA MET B 221 -11.59 29.76 -5.85
C MET B 221 -10.17 30.13 -6.27
N TYR B 222 -9.28 30.36 -5.30
CA TYR B 222 -7.88 30.64 -5.61
C TYR B 222 -7.34 29.40 -6.35
N PRO B 223 -6.42 29.58 -7.29
CA PRO B 223 -5.97 28.47 -8.15
C PRO B 223 -5.01 27.44 -7.56
N ILE B 224 -4.44 27.75 -6.40
CA ILE B 224 -3.47 26.87 -5.76
C ILE B 224 -3.99 26.32 -4.43
N ALA B 225 -3.99 25.00 -4.27
CA ALA B 225 -4.44 24.37 -3.03
C ALA B 225 -3.32 24.19 -2.01
N VAL B 226 -2.97 25.26 -1.32
CA VAL B 226 -1.95 25.13 -0.26
C VAL B 226 -2.28 26.03 0.92
N SER B 227 -1.87 25.57 2.09
CA SER B 227 -2.03 26.34 3.32
C SER B 227 -3.42 26.96 3.47
N GLY B 228 -4.43 26.10 3.53
CA GLY B 228 -5.81 26.52 3.67
C GLY B 228 -6.21 26.82 5.11
N ASP B 229 -5.48 27.72 5.78
CA ASP B 229 -5.76 28.03 7.18
C ASP B 229 -5.97 29.49 7.52
N HIS B 230 -6.41 30.26 6.52
CA HIS B 230 -6.66 31.67 6.69
C HIS B 230 -8.14 31.89 6.56
N GLU B 231 -8.64 32.94 7.19
CA GLU B 231 -10.07 33.24 7.24
C GLU B 231 -10.83 33.24 5.92
N ASN B 232 -10.26 33.90 4.90
CA ASN B 232 -10.99 34.03 3.64
C ASN B 232 -11.00 32.75 2.80
N ASN B 233 -10.12 31.80 3.13
CA ASN B 233 -9.93 30.60 2.32
C ASN B 233 -11.21 29.81 2.07
N LYS B 234 -12.12 29.84 3.05
CA LYS B 234 -13.33 29.04 2.91
C LYS B 234 -14.47 29.77 2.20
N MET B 235 -14.28 31.07 1.99
CA MET B 235 -15.31 31.95 1.39
C MET B 235 -15.13 32.30 -0.09
N PHE B 236 -16.19 32.81 -0.68
CA PHE B 236 -16.13 33.22 -2.10
C PHE B 236 -15.74 34.67 -2.26
N SER B 237 -14.92 34.95 -3.28
CA SER B 237 -14.50 36.31 -3.60
C SER B 237 -15.66 37.00 -4.35
N GLN B 238 -15.51 38.29 -4.61
CA GLN B 238 -16.45 39.06 -5.42
C GLN B 238 -16.48 38.55 -6.86
N CYS B 239 -15.31 38.14 -7.36
CA CYS B 239 -15.22 37.57 -8.72
C CYS B 239 -16.07 36.29 -8.86
N SER B 240 -15.96 35.38 -7.89
CA SER B 240 -16.78 34.16 -7.92
C SER B 240 -18.26 34.48 -7.79
N LYS B 241 -18.59 35.46 -6.95
CA LYS B 241 -20.01 35.83 -6.71
C LYS B 241 -20.63 36.33 -8.00
N GLN B 242 -19.88 37.17 -8.70
CA GLN B 242 -20.35 37.70 -9.96
C GLN B 242 -20.65 36.58 -10.95
N SER B 243 -19.73 35.60 -11.08
CA SER B 243 -19.96 34.51 -12.01
C SER B 243 -21.14 33.63 -11.58
N ILE B 244 -21.15 33.28 -10.30
CA ILE B 244 -22.17 32.39 -9.74
C ILE B 244 -23.58 33.02 -9.76
N TYR B 245 -23.62 34.34 -9.53
CA TYR B 245 -24.87 35.09 -9.54
C TYR B 245 -25.53 34.94 -10.90
N LYS B 246 -24.73 34.96 -11.95
CA LYS B 246 -25.26 34.74 -13.30
C LYS B 246 -25.90 33.35 -13.35
N THR B 247 -25.17 32.34 -12.88
CA THR B 247 -25.66 30.97 -12.86
C THR B 247 -27.03 30.89 -12.16
N ILE B 248 -27.01 31.27 -10.89
CA ILE B 248 -28.17 31.17 -10.01
C ILE B 248 -29.41 31.81 -10.58
N GLU B 249 -29.25 33.00 -11.17
CA GLU B 249 -30.37 33.70 -11.79
C GLU B 249 -30.96 32.90 -12.95
N SER B 250 -30.16 32.06 -13.58
CA SER B 250 -30.64 31.24 -14.69
C SER B 250 -30.95 29.76 -14.39
N LYS B 251 -30.20 29.12 -13.48
CA LYS B 251 -30.33 27.68 -13.22
C LYS B 251 -31.24 27.20 -12.05
N ALA B 252 -31.49 28.04 -11.08
CA ALA B 252 -32.36 27.64 -9.98
C ALA B 252 -33.76 27.29 -10.53
N GLN B 253 -34.28 28.14 -11.42
CA GLN B 253 -35.61 27.92 -12.00
C GLN B 253 -35.61 26.58 -12.72
N GLU B 254 -34.48 26.27 -13.33
CA GLU B 254 -34.32 25.05 -14.11
C GLU B 254 -34.23 23.74 -13.32
N CYS B 255 -33.48 23.71 -12.22
CA CYS B 255 -33.34 22.48 -11.49
C CYS B 255 -33.22 22.55 -9.96
N PHE B 256 -33.17 23.75 -9.39
CA PHE B 256 -33.07 23.87 -7.92
C PHE B 256 -34.45 23.57 -7.31
N GLN B 257 -34.42 23.01 -6.11
CA GLN B 257 -35.65 22.65 -5.41
C GLN B 257 -35.70 23.31 -4.01
N GLU B 258 -36.76 23.03 -3.26
CA GLU B 258 -36.87 23.53 -1.88
C GLU B 258 -35.98 22.63 -1.01
N ARG B 259 -35.58 23.09 0.18
CA ARG B 259 -34.76 22.22 1.04
C ARG B 259 -35.55 20.96 1.37
ZN ZN C . 23.18 -14.08 0.77
C7 615 D . 24.79 -12.44 6.28
C27 615 D . 28.11 -13.27 11.73
C17 615 D . 25.38 -6.39 6.93
C1 615 D . 27.98 -16.14 4.13
C8 615 D . 25.70 -11.61 5.60
N2 615 D . 24.17 -16.63 1.99
O2 615 D . 25.00 -14.58 1.52
O1 615 D . 27.80 -17.29 4.48
C3 615 D . 25.19 -15.78 1.80
C28 615 D . 27.34 -12.42 10.93
C26 615 D . 29.38 -12.86 12.17
N1 615 D . 27.45 -9.01 9.48
C2 615 D . 27.39 -14.04 3.16
O3 615 D . 23.92 -11.85 7.15
C4 615 D . 26.49 -13.50 4.27
C5 615 D . 25.61 -14.35 4.96
C6 615 D . 24.75 -13.82 5.95
C9 615 D . 26.55 -12.12 4.61
C10 615 D . 23.87 -10.53 7.64
C11 615 D . 25.13 -9.94 8.21
C12 615 D . 27.02 -10.27 9.68
C13 615 D . 25.86 -10.75 9.07
C14 615 D . 26.76 -8.18 8.66
C15 615 D . 25.58 -8.60 7.99
C16 615 D . 24.89 -7.70 7.13
C18 615 D . 26.54 -5.97 7.60
C19 615 D . 27.22 -6.86 8.45
C20 615 D . 27.83 -11.14 10.56
C21 615 D . 26.56 -16.36 1.77
C22 615 D . 27.27 -15.53 2.94
C23 615 D . 28.04 -16.32 1.95
O4 615 D . 22.87 -16.05 1.94
N3 615 D . 28.80 -15.31 4.79
C24 615 D . 29.10 -10.74 11.02
C25 615 D . 29.86 -11.59 11.84
C0 INN E . 26.64 -15.78 2.64
C INN E . 25.33 -15.58 1.87
O INN E . 25.27 -14.85 0.86
N INN E . 24.28 -16.18 2.42
O4 INN E . 23.08 -16.13 1.65
C4 INN E . 28.35 -15.00 4.37
O1 INN E . 28.71 -16.01 4.96
CA INN E . 26.88 -14.88 3.90
CB INN E . 26.43 -13.40 3.73
C1 INN E . 25.56 -12.73 4.83
C2 INN E . 26.01 -11.32 5.14
C3 INN E . 25.46 -13.55 6.12
N1 INN E . 29.14 -13.93 4.05
C5 INN E . 30.59 -13.62 4.24
C6 INN E . 31.53 -14.16 3.09
C7 INN E . 31.35 -15.61 3.61
C8 INN E . 31.00 -14.66 1.74
C9 INN E . 33.05 -14.34 3.36
C10 INN E . 31.25 -13.43 5.63
O2 INN E . 31.24 -12.30 6.13
N2 INN E . 31.96 -14.47 6.15
C11 INN E . 32.79 -14.49 7.36
C13 INN E . 34.24 -14.12 6.92
O3 INN E . 34.77 -14.79 6.03
C12 INN E . 32.27 -13.39 8.31
N4 INN E . 37.99 -12.44 5.44
C15 INN E . 36.77 -13.10 5.84
C14 INN E . 36.13 -12.43 7.08
N3 INN E . 34.84 -13.02 7.47
ZN ZN F . -10.34 24.76 -9.64
C7 615 G . -8.90 24.11 -4.03
C27 615 G . -5.95 20.79 0.51
C17 615 G . -7.72 29.31 -0.92
C1 615 G . -5.93 21.17 -7.28
C8 615 G . -8.00 25.14 -4.40
N2 615 G . -9.76 21.90 -9.34
O2 615 G . -8.65 23.80 -9.73
O1 615 G . -6.47 20.07 -7.16
C3 615 G . -8.63 22.60 -9.51
C28 615 G . -6.54 22.00 0.08
C26 615 G . -4.79 20.83 1.31
N1 615 G . -6.08 25.65 0.31
C2 615 G . -6.28 23.61 -7.49
O3 615 G . -9.70 24.37 -2.97
C4 615 G . -7.20 23.81 -6.29
C5 615 G . -8.13 22.80 -5.94
C6 615 G . -8.99 22.95 -4.84
C9 615 G . -7.15 24.99 -5.53
C10 615 G . -9.65 25.43 -2.07
C11 615 G . -8.38 25.61 -1.30
C12 615 G . -6.64 24.48 -0.04
C13 615 G . -7.79 24.43 -0.84
C14 615 G . -6.62 26.82 -0.11
C15 615 G . -7.79 26.85 -0.92
C16 615 G . -8.32 28.11 -1.31
C18 615 G . -6.57 29.26 -0.13
C19 615 G . -6.03 28.03 0.27
C20 615 G . -6.01 23.26 0.44
C21 615 G . -7.33 21.90 -9.42
C22 615 G . -6.53 22.25 -8.14
C23 615 G . -5.90 21.86 -9.52
O4 615 G . -10.90 22.73 -9.51
N3 615 G . -4.83 21.51 -6.59
C24 615 G . -4.83 23.29 1.24
C25 615 G . -4.23 22.09 1.67
C1 CIT H . -23.39 26.60 -22.25
O1 CIT H . -24.19 25.75 -21.91
O2 CIT H . -23.63 27.91 -21.95
C2 CIT H . -22.15 26.17 -23.02
C3 CIT H . -21.22 27.35 -23.43
O7 CIT H . -20.87 28.13 -22.24
C4 CIT H . -19.93 26.72 -23.94
C5 CIT H . -18.94 27.81 -24.15
O3 CIT H . -18.10 28.19 -23.32
O4 CIT H . -19.03 28.35 -25.31
C6 CIT H . -21.83 28.26 -24.54
O5 CIT H . -22.31 27.78 -25.57
O6 CIT H . -21.87 29.65 -24.42
#